data_6F2N
#
_entry.id   6F2N
#
_cell.length_a   53.169
_cell.length_b   61.668
_cell.length_c   69.675
_cell.angle_alpha   90.000
_cell.angle_beta   93.130
_cell.angle_gamma   90.000
#
_symmetry.space_group_name_H-M   'C 1 2 1'
#
loop_
_entity.id
_entity.type
_entity.pdbx_description
1 polymer 'Metallo-beta-lactamase type 2'
2 non-polymer 'ZINC ION'
3 non-polymer 'SULFATE ION'
4 non-polymer '(~{Z})-3-[2-(naphthalen-2-ylmethyl)phenyl]-2-sulfanyl-prop-2-enoic acid'
5 water water
#
_entity_poly.entity_id   1
_entity_poly.type   'polypeptide(L)'
_entity_poly.pdbx_seq_one_letter_code
;SQKVEKTVIKNETGTISISQLNKNVWVHTELGSFNGEAVPSNGLVLNTSKGLVLVDSSWDDKLTKELIEMVEKKFQKRVT
DVIITHAHADRIGGIKTLKERGIKAHSTALTAELAKKNGYEEPLGDLQTVTNLKFGNMKVETFYPGKGHTEDNIVVWLPQ
YNILVGGCLVKSTSAKDLGNVADAYVNEWSTSIENVLKRYRNINAVVPGHGEVGDKGLLLHTLDLLK
;
_entity_poly.pdbx_strand_id   A
#
loop_
_chem_comp.id
_chem_comp.type
_chem_comp.name
_chem_comp.formula
CF8 non-polymer '(~{Z})-3-[2-(naphthalen-2-ylmethyl)phenyl]-2-sulfanyl-prop-2-enoic acid' 'C20 H16 O2 S'
SO4 non-polymer 'SULFATE ION' 'O4 S -2'
ZN non-polymer 'ZINC ION' 'Zn 2'
#
# COMPACT_ATOMS: atom_id res chain seq x y z
N GLU A 5 -0.34 -10.87 -21.95
CA GLU A 5 -0.93 -9.77 -21.18
C GLU A 5 -1.30 -10.27 -19.76
N LYS A 6 -1.20 -9.38 -18.79
CA LYS A 6 -1.53 -9.74 -17.42
C LYS A 6 -3.03 -10.01 -17.26
N THR A 7 -3.34 -11.03 -16.44
CA THR A 7 -4.73 -11.33 -16.14
C THR A 7 -5.33 -10.23 -15.26
N VAL A 8 -6.51 -9.75 -15.65
CA VAL A 8 -7.25 -8.71 -14.95
C VAL A 8 -8.67 -9.24 -14.74
N ILE A 9 -9.09 -9.26 -13.49
CA ILE A 9 -10.37 -9.78 -13.07
C ILE A 9 -11.12 -8.70 -12.34
N LYS A 10 -12.36 -8.48 -12.67
CA LYS A 10 -13.13 -7.41 -12.07
C LYS A 10 -14.43 -7.87 -11.43
N ASN A 11 -14.90 -7.05 -10.51
CA ASN A 11 -16.20 -7.26 -9.90
C ASN A 11 -17.29 -6.71 -10.82
N GLU A 12 -18.56 -6.89 -10.43
CA GLU A 12 -19.64 -6.20 -11.13
C GLU A 12 -19.48 -4.70 -10.93
N THR A 13 -19.44 -3.98 -12.04
CA THR A 13 -19.44 -2.50 -12.14
C THR A 13 -18.06 -1.91 -12.19
N GLY A 14 -17.00 -2.74 -12.05
CA GLY A 14 -15.64 -2.26 -12.19
C GLY A 14 -15.11 -1.48 -11.01
N THR A 15 -15.85 -1.42 -9.90
CA THR A 15 -15.32 -0.70 -8.76
C THR A 15 -14.12 -1.42 -8.14
N ILE A 16 -13.93 -2.73 -8.36
CA ILE A 16 -12.78 -3.48 -7.84
C ILE A 16 -12.21 -4.35 -8.94
N SER A 17 -10.89 -4.29 -9.11
CA SER A 17 -10.19 -5.01 -10.16
C SER A 17 -8.89 -5.53 -9.57
N ILE A 18 -8.50 -6.73 -9.94
CA ILE A 18 -7.22 -7.31 -9.57
C ILE A 18 -6.43 -7.67 -10.79
N SER A 19 -5.15 -7.33 -10.77
CA SER A 19 -4.30 -7.53 -11.93
C SER A 19 -3.09 -8.31 -11.48
N GLN A 20 -2.72 -9.36 -12.20
CA GLN A 20 -1.70 -10.30 -11.79
C GLN A 20 -0.33 -9.76 -12.18
N LEU A 21 0.60 -9.58 -11.22
CA LEU A 21 2.03 -9.30 -11.50
C LEU A 21 2.89 -10.56 -11.65
N ASN A 22 2.59 -11.62 -10.89
CA ASN A 22 3.26 -12.92 -10.99
C ASN A 22 2.39 -13.98 -10.33
N LYS A 23 2.94 -15.20 -10.17
CA LYS A 23 2.12 -16.34 -9.76
C LYS A 23 1.42 -16.07 -8.44
N ASN A 24 2.04 -15.28 -7.55
CA ASN A 24 1.49 -15.08 -6.21
C ASN A 24 1.30 -13.63 -5.83
N VAL A 25 1.45 -12.66 -6.73
CA VAL A 25 1.35 -11.26 -6.40
C VAL A 25 0.37 -10.63 -7.36
N TRP A 26 -0.65 -9.95 -6.88
CA TRP A 26 -1.63 -9.23 -7.66
C TRP A 26 -1.71 -7.81 -7.13
N VAL A 27 -2.09 -6.86 -7.96
CA VAL A 27 -2.45 -5.49 -7.55
C VAL A 27 -3.97 -5.38 -7.45
N HIS A 28 -4.46 -4.81 -6.32
CA HIS A 28 -5.89 -4.60 -6.22
C HIS A 28 -6.20 -3.10 -6.39
N THR A 29 -7.17 -2.78 -7.22
CA THR A 29 -7.47 -1.37 -7.50
C THR A 29 -8.96 -1.15 -7.27
N GLU A 30 -9.33 -0.14 -6.46
CA GLU A 30 -10.73 0.22 -6.23
C GLU A 30 -11.00 1.68 -6.59
N LEU A 31 -12.23 1.94 -6.99
CA LEU A 31 -12.69 3.28 -7.29
C LEU A 31 -13.44 3.81 -6.09
N GLY A 32 -12.86 4.81 -5.44
CA GLY A 32 -13.48 5.51 -4.35
C GLY A 32 -14.01 6.83 -4.82
N SER A 33 -14.31 7.72 -3.87
CA SER A 33 -14.85 9.06 -4.20
C SER A 33 -14.13 10.17 -3.42
N ALA A 38 -14.70 10.12 -9.11
CA ALA A 38 -14.03 8.82 -8.97
C ALA A 38 -12.51 8.98 -8.74
N VAL A 39 -11.98 8.20 -7.79
CA VAL A 39 -10.54 8.27 -7.53
C VAL A 39 -10.10 6.83 -7.35
N PRO A 40 -9.29 6.29 -8.26
CA PRO A 40 -8.76 4.93 -8.06
C PRO A 40 -7.63 4.89 -7.07
N SER A 41 -7.49 3.73 -6.45
N SER A 41 -7.48 3.72 -6.47
CA SER A 41 -6.36 3.52 -5.57
CA SER A 41 -6.44 3.48 -5.48
C SER A 41 -5.90 2.08 -5.66
C SER A 41 -5.93 2.05 -5.61
N ASN A 42 -4.64 1.85 -5.33
CA ASN A 42 -4.05 0.53 -5.39
C ASN A 42 -3.55 0.00 -4.07
N GLY A 43 -3.59 -1.33 -3.95
CA GLY A 43 -2.82 -2.08 -2.94
C GLY A 43 -2.37 -3.39 -3.56
N LEU A 44 -1.88 -4.33 -2.75
CA LEU A 44 -1.44 -5.63 -3.23
C LEU A 44 -2.26 -6.76 -2.58
N VAL A 45 -2.29 -7.89 -3.29
CA VAL A 45 -2.81 -9.15 -2.77
C VAL A 45 -1.66 -10.14 -2.91
N LEU A 46 -1.26 -10.78 -1.81
CA LEU A 46 -0.23 -11.78 -1.79
C LEU A 46 -0.90 -13.12 -1.52
N ASN A 47 -0.74 -14.03 -2.44
CA ASN A 47 -1.33 -15.38 -2.34
C ASN A 47 -0.26 -16.27 -1.75
N THR A 48 -0.34 -16.61 -0.49
CA THR A 48 0.64 -17.40 0.22
C THR A 48 0.06 -18.75 0.60
N SER A 49 0.99 -19.63 0.99
CA SER A 49 0.58 -20.97 1.38
C SER A 49 -0.17 -20.99 2.71
N LYS A 50 -0.24 -19.89 3.43
CA LYS A 50 -0.88 -19.84 4.72
C LYS A 50 -2.02 -18.85 4.75
N GLY A 51 -2.39 -18.34 3.60
CA GLY A 51 -3.46 -17.38 3.52
C GLY A 51 -3.13 -16.24 2.58
N LEU A 52 -4.09 -15.38 2.42
CA LEU A 52 -3.92 -14.15 1.66
C LEU A 52 -3.53 -13.01 2.58
N VAL A 53 -2.57 -12.20 2.11
CA VAL A 53 -2.12 -11.02 2.83
C VAL A 53 -2.33 -9.83 1.90
N LEU A 54 -2.96 -8.80 2.40
CA LEU A 54 -3.09 -7.59 1.59
C LEU A 54 -2.13 -6.52 2.05
N VAL A 55 -1.64 -5.74 1.07
CA VAL A 55 -1.03 -4.43 1.38
C VAL A 55 -2.12 -3.38 1.11
N ASP A 56 -2.63 -2.84 2.21
CA ASP A 56 -3.67 -1.79 2.27
C ASP A 56 -5.10 -2.35 2.11
N SER A 57 -6.05 -1.64 2.69
CA SER A 57 -7.47 -2.00 2.60
C SER A 57 -8.08 -1.13 1.50
N SER A 58 -9.15 -0.47 1.72
CA SER A 58 -9.72 0.38 0.71
C SER A 58 -10.46 1.52 1.40
N TRP A 59 -11.10 2.36 0.58
CA TRP A 59 -11.66 3.63 1.02
C TRP A 59 -12.64 3.52 2.15
N ASP A 60 -13.40 2.44 2.23
CA ASP A 60 -14.45 2.32 3.23
C ASP A 60 -14.69 0.83 3.44
N ASP A 61 -15.59 0.56 4.36
CA ASP A 61 -15.87 -0.82 4.73
C ASP A 61 -16.62 -1.56 3.64
N LYS A 62 -17.51 -0.90 2.89
CA LYS A 62 -18.21 -1.61 1.81
C LYS A 62 -17.25 -2.16 0.77
N LEU A 63 -16.29 -1.32 0.31
CA LEU A 63 -15.30 -1.78 -0.65
C LEU A 63 -14.36 -2.82 -0.05
N THR A 64 -13.96 -2.66 1.22
CA THR A 64 -13.02 -3.62 1.80
C THR A 64 -13.69 -5.00 1.89
N LYS A 65 -14.94 -5.04 2.35
CA LYS A 65 -15.66 -6.32 2.40
C LYS A 65 -15.73 -6.98 1.03
N GLU A 66 -16.06 -6.20 0.01
N GLU A 66 -16.12 -6.22 0.00
CA GLU A 66 -16.16 -6.79 -1.32
CA GLU A 66 -16.14 -6.76 -1.35
C GLU A 66 -14.82 -7.24 -1.86
C GLU A 66 -14.78 -7.29 -1.79
N LEU A 67 -13.73 -6.50 -1.59
CA LEU A 67 -12.39 -6.98 -1.95
C LEU A 67 -12.05 -8.29 -1.29
N ILE A 68 -12.23 -8.36 0.01
CA ILE A 68 -11.96 -9.59 0.75
C ILE A 68 -12.75 -10.73 0.15
N GLU A 69 -14.05 -10.52 -0.04
CA GLU A 69 -14.88 -11.62 -0.53
C GLU A 69 -14.44 -12.06 -1.91
N MET A 70 -14.06 -11.16 -2.78
CA MET A 70 -13.60 -11.53 -4.08
C MET A 70 -12.35 -12.40 -4.03
N VAL A 71 -11.36 -11.99 -3.24
CA VAL A 71 -10.12 -12.73 -3.26
C VAL A 71 -10.22 -14.04 -2.52
N GLU A 72 -11.00 -14.11 -1.43
CA GLU A 72 -11.17 -15.39 -0.71
C GLU A 72 -11.84 -16.42 -1.62
N LYS A 73 -12.80 -15.98 -2.41
CA LYS A 73 -13.47 -16.95 -3.32
C LYS A 73 -12.56 -17.39 -4.41
N LYS A 74 -11.79 -16.44 -4.99
CA LYS A 74 -10.96 -16.78 -6.13
C LYS A 74 -9.79 -17.67 -5.73
N PHE A 75 -9.10 -17.32 -4.69
CA PHE A 75 -7.89 -18.04 -4.27
C PHE A 75 -8.16 -19.17 -3.29
N GLN A 76 -9.38 -19.28 -2.79
CA GLN A 76 -9.79 -20.40 -1.94
C GLN A 76 -8.95 -20.50 -0.70
N LYS A 77 -8.78 -19.35 -0.05
N LYS A 77 -8.79 -19.34 -0.05
CA LYS A 77 -8.09 -19.24 1.23
CA LYS A 77 -8.04 -19.19 1.21
C LYS A 77 -8.57 -17.96 1.91
C LYS A 77 -8.59 -17.96 1.92
N ARG A 78 -8.26 -17.81 3.21
CA ARG A 78 -8.77 -16.64 3.94
C ARG A 78 -7.72 -15.52 3.86
N VAL A 79 -8.22 -14.29 3.91
CA VAL A 79 -7.36 -13.15 4.21
C VAL A 79 -7.02 -13.17 5.70
N THR A 80 -5.72 -13.23 6.00
CA THR A 80 -5.26 -13.31 7.38
C THR A 80 -4.68 -12.02 7.92
N ASP A 81 -4.09 -11.20 7.07
CA ASP A 81 -3.29 -10.08 7.50
C ASP A 81 -3.40 -9.00 6.45
N VAL A 82 -3.31 -7.74 6.91
CA VAL A 82 -3.21 -6.58 6.04
C VAL A 82 -2.13 -5.70 6.61
N ILE A 83 -1.32 -5.09 5.74
CA ILE A 83 -0.35 -4.05 6.09
C ILE A 83 -0.93 -2.68 5.69
N ILE A 84 -1.07 -1.78 6.67
CA ILE A 84 -1.64 -0.46 6.42
C ILE A 84 -0.45 0.50 6.31
N THR A 85 -0.36 1.20 5.18
CA THR A 85 0.84 1.98 4.88
C THR A 85 0.81 3.47 5.25
N HIS A 86 -0.38 4.00 5.58
CA HIS A 86 -0.51 5.28 6.28
C HIS A 86 -1.97 5.41 6.70
N ALA A 87 -2.27 6.46 7.45
CA ALA A 87 -3.56 6.63 8.14
C ALA A 87 -4.61 7.45 7.39
N HIS A 88 -4.53 7.58 6.11
CA HIS A 88 -5.60 8.19 5.29
C HIS A 88 -6.66 7.09 4.87
N ALA A 89 -7.83 7.58 4.45
CA ALA A 89 -8.97 6.71 4.17
C ALA A 89 -8.72 5.67 3.08
N ASP A 90 -8.02 6.02 2.02
CA ASP A 90 -7.74 5.09 0.94
C ASP A 90 -7.04 3.87 1.43
N ARG A 91 -6.18 4.05 2.45
CA ARG A 91 -5.44 2.94 3.03
C ARG A 91 -6.11 2.20 4.18
N ILE A 92 -6.78 2.96 5.04
CA ILE A 92 -7.28 2.44 6.33
C ILE A 92 -8.78 2.45 6.47
N GLY A 93 -9.52 2.87 5.47
CA GLY A 93 -10.95 3.07 5.65
C GLY A 93 -11.71 1.82 5.93
N GLY A 94 -11.15 0.65 5.65
CA GLY A 94 -11.78 -0.64 5.99
C GLY A 94 -11.35 -1.26 7.29
N ILE A 95 -10.70 -0.52 8.16
CA ILE A 95 -10.16 -1.13 9.37
C ILE A 95 -11.23 -1.77 10.26
N LYS A 96 -12.43 -1.18 10.35
CA LYS A 96 -13.46 -1.82 11.16
C LYS A 96 -13.73 -3.21 10.65
N THR A 97 -13.87 -3.37 9.34
CA THR A 97 -14.10 -4.71 8.77
C THR A 97 -13.00 -5.66 9.14
N LEU A 98 -11.74 -5.21 9.02
CA LEU A 98 -10.63 -6.10 9.35
C LEU A 98 -10.74 -6.55 10.78
N LYS A 99 -10.95 -5.62 11.71
CA LYS A 99 -10.94 -5.99 13.09
C LYS A 99 -12.08 -6.94 13.41
N GLU A 100 -13.27 -6.69 12.91
CA GLU A 100 -14.40 -7.53 13.28
C GLU A 100 -14.29 -8.93 12.70
N ARG A 101 -13.57 -9.10 11.60
CA ARG A 101 -13.33 -10.40 10.98
C ARG A 101 -12.14 -11.13 11.55
N GLY A 102 -11.38 -10.52 12.43
CA GLY A 102 -10.20 -11.17 12.95
C GLY A 102 -9.04 -11.19 12.00
N ILE A 103 -8.97 -10.22 11.09
CA ILE A 103 -7.86 -10.00 10.18
C ILE A 103 -6.87 -9.09 10.85
N LYS A 104 -5.63 -9.53 10.97
CA LYS A 104 -4.58 -8.73 11.64
C LYS A 104 -4.21 -7.51 10.83
N ALA A 105 -4.23 -6.33 11.42
CA ALA A 105 -3.96 -5.08 10.70
C ALA A 105 -2.67 -4.50 11.22
N HIS A 106 -1.59 -4.71 10.47
CA HIS A 106 -0.29 -4.29 10.87
C HIS A 106 -0.04 -2.84 10.46
N SER A 107 0.71 -2.14 11.31
CA SER A 107 1.05 -0.75 11.02
C SER A 107 2.22 -0.36 11.90
N THR A 108 2.82 0.80 11.61
CA THR A 108 3.73 1.40 12.59
C THR A 108 2.91 1.96 13.77
N ALA A 109 3.64 2.23 14.87
CA ALA A 109 3.00 2.90 16.01
C ALA A 109 2.49 4.27 15.64
N LEU A 110 3.23 5.03 14.81
CA LEU A 110 2.80 6.35 14.44
C LEU A 110 1.51 6.27 13.61
N THR A 111 1.43 5.36 12.64
CA THR A 111 0.19 5.18 11.90
C THR A 111 -0.97 4.87 12.83
N ALA A 112 -0.77 4.00 13.81
CA ALA A 112 -1.84 3.69 14.75
C ALA A 112 -2.26 4.90 15.56
N GLU A 113 -1.29 5.73 15.98
N GLU A 113 -1.31 5.73 15.98
CA GLU A 113 -1.54 6.95 16.78
CA GLU A 113 -1.61 6.93 16.75
C GLU A 113 -2.36 7.94 15.96
C GLU A 113 -2.41 7.90 15.94
N LEU A 114 -2.02 8.07 14.67
CA LEU A 114 -2.76 8.97 13.80
C LEU A 114 -4.16 8.44 13.49
N ALA A 115 -4.28 7.12 13.27
CA ALA A 115 -5.59 6.54 13.05
C ALA A 115 -6.52 6.87 14.22
N LYS A 116 -6.03 6.69 15.45
CA LYS A 116 -6.82 6.96 16.65
C LYS A 116 -7.18 8.42 16.70
N LYS A 117 -6.24 9.27 16.43
CA LYS A 117 -6.47 10.69 16.53
C LYS A 117 -7.61 11.10 15.64
N ASN A 118 -7.72 10.44 14.47
CA ASN A 118 -8.68 10.73 13.43
C ASN A 118 -9.94 9.88 13.50
N GLY A 119 -10.11 9.16 14.56
CA GLY A 119 -11.37 8.52 14.81
C GLY A 119 -11.50 7.16 14.21
N TYR A 120 -10.44 6.57 13.64
CA TYR A 120 -10.53 5.21 13.13
C TYR A 120 -10.16 4.23 14.21
N GLU A 121 -10.58 2.99 14.01
CA GLU A 121 -10.12 1.92 14.87
C GLU A 121 -8.63 1.72 14.64
N GLU A 122 -7.94 1.19 15.61
CA GLU A 122 -6.47 1.19 15.58
C GLU A 122 -5.91 -0.11 15.01
N PRO A 123 -4.98 -0.01 14.09
CA PRO A 123 -4.16 -1.16 13.74
C PRO A 123 -3.16 -1.45 14.84
N LEU A 124 -2.30 -2.45 14.64
CA LEU A 124 -1.51 -3.04 15.72
C LEU A 124 -0.33 -2.22 16.17
N GLY A 125 0.23 -1.34 15.32
CA GLY A 125 1.37 -0.59 15.80
C GLY A 125 2.59 -1.43 16.02
N ASP A 126 2.72 -2.55 15.32
CA ASP A 126 3.79 -3.50 15.50
C ASP A 126 5.02 -3.28 14.60
N LEU A 127 4.91 -2.56 13.53
CA LEU A 127 5.99 -2.40 12.56
C LEU A 127 6.97 -1.36 13.05
N GLN A 128 8.24 -1.66 12.89
CA GLN A 128 9.33 -0.78 13.28
C GLN A 128 9.85 0.01 12.08
N THR A 129 11.03 0.57 12.12
CA THR A 129 11.54 1.23 10.93
C THR A 129 11.80 0.23 9.81
N VAL A 130 12.37 -0.94 10.15
CA VAL A 130 12.49 -2.06 9.23
C VAL A 130 11.89 -3.28 9.94
N THR A 131 10.90 -3.90 9.32
CA THR A 131 10.32 -5.14 9.85
C THR A 131 10.32 -6.16 8.76
N ASN A 132 10.74 -7.38 9.07
CA ASN A 132 10.71 -8.50 8.15
C ASN A 132 9.68 -9.51 8.63
N LEU A 133 8.70 -9.77 7.77
CA LEU A 133 7.61 -10.68 8.02
C LEU A 133 7.70 -11.84 7.03
N LYS A 134 7.13 -12.99 7.41
CA LYS A 134 7.09 -14.13 6.50
C LYS A 134 5.69 -14.74 6.63
N PHE A 135 5.03 -14.97 5.53
CA PHE A 135 3.69 -15.56 5.49
C PHE A 135 3.77 -16.78 4.58
N GLY A 136 3.83 -17.99 5.15
CA GLY A 136 4.10 -19.14 4.29
C GLY A 136 5.50 -18.97 3.77
N ASN A 137 5.65 -19.06 2.47
CA ASN A 137 6.94 -18.83 1.87
C ASN A 137 7.13 -17.38 1.41
N MET A 138 6.12 -16.53 1.57
CA MET A 138 6.19 -15.16 1.05
C MET A 138 6.90 -14.23 2.04
N LYS A 139 8.02 -13.64 1.61
CA LYS A 139 8.76 -12.70 2.47
C LYS A 139 8.32 -11.28 2.18
N VAL A 140 8.14 -10.52 3.24
CA VAL A 140 7.68 -9.13 3.12
C VAL A 140 8.54 -8.31 4.07
N GLU A 141 9.09 -7.20 3.55
CA GLU A 141 9.81 -6.23 4.36
C GLU A 141 9.03 -4.92 4.36
N THR A 142 8.84 -4.32 5.53
CA THR A 142 8.27 -2.97 5.58
C THR A 142 9.38 -2.02 5.95
N PHE A 143 9.33 -0.81 5.41
CA PHE A 143 10.37 0.17 5.62
C PHE A 143 9.74 1.55 5.77
N TYR A 144 10.08 2.24 6.86
CA TYR A 144 9.72 3.66 7.07
C TYR A 144 10.89 4.51 6.59
N PRO A 145 10.75 5.22 5.48
CA PRO A 145 11.88 5.98 4.91
C PRO A 145 11.96 7.40 5.41
N GLY A 146 10.98 7.84 6.18
CA GLY A 146 10.86 9.21 6.55
C GLY A 146 9.57 9.83 6.06
N LYS A 147 9.40 11.09 6.41
CA LYS A 147 8.17 11.80 6.10
C LYS A 147 8.09 12.14 4.63
N GLY A 148 6.87 12.22 4.09
CA GLY A 148 6.73 12.58 2.70
C GLY A 148 5.30 12.95 2.39
N HIS A 149 4.56 12.06 1.72
CA HIS A 149 3.15 12.27 1.49
C HIS A 149 2.41 12.51 2.79
N THR A 150 2.75 11.74 3.82
CA THR A 150 2.35 11.93 5.18
C THR A 150 3.56 11.76 6.08
N GLU A 151 3.33 12.03 7.35
N GLU A 151 3.40 12.06 7.38
CA GLU A 151 4.34 11.88 8.38
CA GLU A 151 4.49 11.84 8.34
C GLU A 151 4.76 10.43 8.54
C GLU A 151 4.82 10.37 8.51
N ASP A 152 3.84 9.52 8.32
CA ASP A 152 3.92 8.12 8.71
C ASP A 152 4.12 7.14 7.56
N ASN A 153 4.07 7.61 6.29
CA ASN A 153 4.05 6.65 5.18
C ASN A 153 5.20 5.64 5.19
N ILE A 154 4.87 4.38 4.96
CA ILE A 154 5.82 3.32 4.77
C ILE A 154 5.77 2.75 3.37
N VAL A 155 6.81 2.06 2.98
CA VAL A 155 6.86 1.27 1.76
C VAL A 155 6.94 -0.22 2.13
N VAL A 156 6.60 -1.08 1.16
CA VAL A 156 6.63 -2.50 1.37
C VAL A 156 7.45 -3.10 0.23
N TRP A 157 8.34 -4.01 0.56
CA TRP A 157 9.28 -4.60 -0.39
C TRP A 157 9.10 -6.13 -0.39
N LEU A 158 9.06 -6.71 -1.61
CA LEU A 158 8.97 -8.16 -1.72
C LEU A 158 10.32 -8.62 -2.25
N PRO A 159 11.22 -9.09 -1.40
CA PRO A 159 12.60 -9.38 -1.87
C PRO A 159 12.72 -10.56 -2.81
N GLN A 160 11.73 -11.43 -2.87
CA GLN A 160 11.80 -12.57 -3.78
C GLN A 160 11.44 -12.18 -5.19
N TYR A 161 10.96 -10.95 -5.40
CA TYR A 161 10.51 -10.45 -6.67
C TYR A 161 11.06 -9.06 -7.01
N ASN A 162 11.74 -8.42 -6.06
CA ASN A 162 12.19 -7.03 -6.16
C ASN A 162 11.07 -6.12 -6.60
N ILE A 163 9.91 -6.32 -5.93
CA ILE A 163 8.75 -5.48 -6.18
C ILE A 163 8.61 -4.52 -4.99
N LEU A 164 8.49 -3.22 -5.28
CA LEU A 164 8.25 -2.20 -4.26
C LEU A 164 6.84 -1.67 -4.35
N VAL A 165 6.13 -1.69 -3.20
CA VAL A 165 4.87 -1.01 -3.06
C VAL A 165 5.24 0.35 -2.51
N GLY A 166 5.20 1.36 -3.36
CA GLY A 166 5.54 2.70 -2.94
C GLY A 166 4.43 3.37 -2.12
N GLY A 167 3.18 2.98 -2.35
CA GLY A 167 2.11 3.64 -1.72
C GLY A 167 2.05 5.10 -2.15
N CYS A 168 1.44 5.92 -1.31
CA CYS A 168 1.16 7.26 -1.72
C CYS A 168 2.37 8.19 -1.63
N LEU A 169 3.46 7.69 -1.10
CA LEU A 169 4.78 8.35 -1.23
C LEU A 169 5.22 8.46 -2.68
N VAL A 170 4.79 7.55 -3.56
CA VAL A 170 5.24 7.48 -4.93
C VAL A 170 4.10 7.83 -5.86
N LYS A 171 4.33 8.84 -6.72
CA LYS A 171 3.35 9.26 -7.71
C LYS A 171 3.49 8.51 -9.02
N SER A 172 2.36 8.21 -9.63
CA SER A 172 2.36 7.60 -10.94
C SER A 172 2.76 8.61 -12.05
N THR A 173 3.07 8.06 -13.23
CA THR A 173 3.46 8.90 -14.38
C THR A 173 2.32 9.86 -14.64
N SER A 174 1.08 9.45 -14.53
CA SER A 174 -0.05 10.31 -14.86
C SER A 174 -0.32 11.42 -13.86
N ALA A 175 0.27 11.34 -12.66
CA ALA A 175 0.16 12.43 -11.71
C ALA A 175 1.08 13.54 -12.15
N LYS A 176 0.52 14.74 -12.29
CA LYS A 176 1.28 15.91 -12.77
C LYS A 176 1.54 16.93 -11.68
N ASP A 177 1.14 16.63 -10.47
CA ASP A 177 1.41 17.45 -9.30
C ASP A 177 1.40 16.49 -8.11
N LEU A 178 1.61 17.03 -6.90
CA LEU A 178 1.71 16.20 -5.71
C LEU A 178 0.37 15.86 -5.11
N GLY A 179 -0.71 16.42 -5.59
CA GLY A 179 -1.99 16.10 -5.04
C GLY A 179 -2.25 16.78 -3.70
N ASN A 180 -2.95 16.10 -2.82
CA ASN A 180 -3.32 16.67 -1.54
C ASN A 180 -2.09 16.63 -0.62
N VAL A 181 -1.62 17.82 -0.27
CA VAL A 181 -0.41 18.02 0.51
C VAL A 181 -0.73 18.59 1.89
N ALA A 182 -1.99 18.51 2.30
CA ALA A 182 -2.35 19.02 3.61
C ALA A 182 -1.53 18.36 4.73
N ASP A 183 -1.28 17.07 4.59
CA ASP A 183 -0.61 16.29 5.60
C ASP A 183 0.82 15.97 5.24
N ALA A 184 1.35 16.60 4.19
CA ALA A 184 2.62 16.28 3.56
C ALA A 184 3.75 17.11 4.14
N TYR A 185 4.93 16.61 3.92
CA TYR A 185 6.21 17.21 4.33
C TYR A 185 7.06 17.35 3.08
N VAL A 186 6.84 18.44 2.31
CA VAL A 186 7.39 18.49 0.99
C VAL A 186 8.87 18.72 0.99
N ASN A 187 9.48 19.18 2.07
N ASN A 187 9.47 19.16 2.11
CA ASN A 187 10.94 19.19 2.10
CA ASN A 187 10.92 19.36 2.21
C ASN A 187 11.55 17.74 2.29
C ASN A 187 11.71 18.14 2.65
N GLU A 188 11.04 17.00 3.29
N GLU A 188 11.00 17.13 3.19
CA GLU A 188 11.56 15.71 3.66
CA GLU A 188 11.58 15.85 3.59
C GLU A 188 11.23 14.69 2.61
C GLU A 188 11.24 14.73 2.59
N TRP A 189 10.19 14.91 1.81
CA TRP A 189 9.75 13.89 0.88
C TRP A 189 10.85 13.48 -0.06
N SER A 190 11.67 14.43 -0.54
CA SER A 190 12.75 14.04 -1.45
CA SER A 190 12.73 14.03 -1.47
C SER A 190 13.77 13.16 -0.77
N THR A 191 14.14 13.50 0.46
N THR A 191 14.14 13.50 0.47
CA THR A 191 15.09 12.68 1.21
CA THR A 191 15.11 12.67 1.19
C THR A 191 14.52 11.28 1.46
C THR A 191 14.52 11.27 1.45
N SER A 192 13.25 11.19 1.77
CA SER A 192 12.62 9.91 2.01
C SER A 192 12.65 9.04 0.75
N ILE A 193 12.33 9.63 -0.42
N ILE A 193 12.37 9.63 -0.42
CA ILE A 193 12.49 8.91 -1.69
CA ILE A 193 12.50 8.88 -1.67
C ILE A 193 13.93 8.45 -1.87
C ILE A 193 13.94 8.45 -1.88
N GLU A 194 14.88 9.35 -1.64
CA GLU A 194 16.28 8.95 -1.75
C GLU A 194 16.64 7.81 -0.82
N ASN A 195 16.07 7.75 0.39
CA ASN A 195 16.27 6.65 1.30
C ASN A 195 15.75 5.33 0.71
N VAL A 196 14.63 5.38 0.01
CA VAL A 196 14.12 4.17 -0.68
C VAL A 196 15.07 3.74 -1.77
N LEU A 197 15.53 4.69 -2.60
CA LEU A 197 16.42 4.37 -3.70
C LEU A 197 17.74 3.81 -3.20
N LYS A 198 18.23 4.29 -2.04
CA LYS A 198 19.47 3.77 -1.46
C LYS A 198 19.30 2.37 -0.89
N ARG A 199 18.13 2.06 -0.36
CA ARG A 199 17.91 0.75 0.26
C ARG A 199 17.71 -0.32 -0.79
N TYR A 200 17.00 0.03 -1.85
CA TYR A 200 16.59 -0.92 -2.88
C TYR A 200 17.15 -0.50 -4.21
N ARG A 201 18.40 -0.94 -4.50
CA ARG A 201 19.15 -0.47 -5.65
C ARG A 201 18.78 -1.19 -6.93
N ASN A 202 18.04 -2.32 -6.86
CA ASN A 202 17.69 -3.08 -8.07
C ASN A 202 16.20 -3.41 -7.95
N ILE A 203 15.32 -2.66 -8.63
CA ILE A 203 13.87 -2.73 -8.49
C ILE A 203 13.24 -3.20 -9.79
N ASN A 204 12.45 -4.30 -9.75
CA ASN A 204 11.69 -4.76 -10.90
C ASN A 204 10.42 -4.02 -11.25
N ALA A 205 9.59 -3.72 -10.24
CA ALA A 205 8.34 -3.01 -10.44
C ALA A 205 8.06 -2.16 -9.23
N VAL A 206 7.37 -1.02 -9.45
CA VAL A 206 6.95 -0.11 -8.37
C VAL A 206 5.48 0.13 -8.52
N VAL A 207 4.75 -0.17 -7.42
CA VAL A 207 3.31 0.05 -7.40
C VAL A 207 3.07 1.38 -6.69
N PRO A 208 2.53 2.41 -7.36
CA PRO A 208 2.18 3.66 -6.67
C PRO A 208 0.85 3.51 -5.94
N GLY A 209 0.55 4.47 -5.05
CA GLY A 209 -0.71 4.41 -4.33
C GLY A 209 -1.92 4.62 -5.22
N HIS A 210 -1.73 5.37 -6.31
CA HIS A 210 -2.75 5.66 -7.29
C HIS A 210 -2.10 5.62 -8.67
N GLY A 211 -2.76 5.00 -9.64
CA GLY A 211 -2.33 4.99 -11.04
C GLY A 211 -1.59 3.74 -11.44
N GLU A 212 -0.97 3.78 -12.63
CA GLU A 212 -0.40 2.60 -13.20
C GLU A 212 0.89 2.18 -12.54
N VAL A 213 1.10 0.87 -12.49
CA VAL A 213 2.35 0.27 -12.09
C VAL A 213 3.46 0.80 -12.97
N GLY A 214 4.62 1.02 -12.43
CA GLY A 214 5.77 1.48 -13.22
C GLY A 214 7.03 0.80 -12.69
N ASP A 215 8.14 1.51 -12.67
CA ASP A 215 9.41 1.00 -12.24
C ASP A 215 10.10 2.11 -11.44
N LYS A 216 11.41 2.03 -11.30
CA LYS A 216 12.14 3.04 -10.54
C LYS A 216 11.87 4.44 -11.05
N GLY A 217 11.58 4.55 -12.33
CA GLY A 217 11.31 5.86 -12.88
C GLY A 217 10.20 6.62 -12.15
N LEU A 218 9.25 5.88 -11.45
CA LEU A 218 8.24 6.60 -10.68
C LEU A 218 8.85 7.33 -9.50
N LEU A 219 9.92 6.78 -8.92
N LEU A 219 9.92 6.81 -8.92
CA LEU A 219 10.60 7.45 -7.84
CA LEU A 219 10.58 7.51 -7.82
C LEU A 219 11.24 8.73 -8.36
C LEU A 219 11.31 8.75 -8.34
N LEU A 220 11.88 8.65 -9.54
CA LEU A 220 12.51 9.85 -10.18
C LEU A 220 11.45 10.87 -10.55
N HIS A 221 10.29 10.40 -11.00
CA HIS A 221 9.19 11.30 -11.34
C HIS A 221 8.74 12.07 -10.11
N THR A 222 8.62 11.35 -8.93
CA THR A 222 8.22 11.97 -7.70
C THR A 222 9.23 13.02 -7.30
N LEU A 223 10.53 12.68 -7.41
CA LEU A 223 11.53 13.72 -7.13
C LEU A 223 11.34 14.98 -7.99
N ASP A 224 11.05 14.79 -9.28
CA ASP A 224 10.88 15.96 -10.15
C ASP A 224 9.68 16.81 -9.75
N LEU A 225 8.58 16.13 -9.32
CA LEU A 225 7.39 16.82 -8.87
C LEU A 225 7.63 17.63 -7.62
N LEU A 226 8.65 17.29 -6.85
CA LEU A 226 8.96 17.95 -5.59
C LEU A 226 9.87 19.16 -5.80
N LYS A 227 10.34 19.42 -7.01
CA LYS A 227 11.15 20.63 -7.33
C LYS A 227 10.28 21.89 -7.45
ZN ZN B . -3.34 7.81 -1.45
ZN ZN C . -2.68 9.62 1.80
S SO4 D . 13.80 -17.40 -1.00
O1 SO4 D . 14.16 -16.08 -0.49
O2 SO4 D . 14.95 -17.91 -1.81
O3 SO4 D . 13.62 -18.34 0.10
O4 SO4 D . 12.63 -17.42 -1.86
C4 CF8 E . -5.03 13.27 1.35
C5 CF8 E . -5.87 13.53 2.40
C6 CF8 E . -7.09 12.93 2.47
C7 CF8 E . -7.50 12.07 1.47
C8 CF8 E . -6.68 11.76 0.38
C9 CF8 E . -7.18 10.84 -0.72
C10 CF8 E . -7.13 11.41 -2.14
C11 CF8 E . -6.40 10.80 -3.11
C12 CF8 E . -6.33 11.30 -4.43
C13 CF8 E . -5.59 10.66 -5.47
C14 CF8 E . -5.55 11.18 -6.73
C15 CF8 E . -6.26 12.34 -7.04
C CF8 E . -3.85 10.76 -0.92
O CF8 E . -2.29 9.62 -2.19
C1 CF8 E . -2.91 10.69 -2.06
C16 CF8 E . -7.01 12.98 -6.08
C17 CF8 E . -7.05 12.47 -4.75
C18 CF8 E . -7.81 13.10 -3.72
C19 CF8 E . -7.83 12.57 -2.46
C2 CF8 E . -4.43 11.98 -0.69
C3 CF8 E . -5.40 12.36 0.35
O1 CF8 E . -2.56 11.69 -2.77
S CF8 E . -4.21 9.35 0.07
#